data_7CCJ
#
_entry.id   7CCJ
#
_cell.length_a   97.729
_cell.length_b   105.279
_cell.length_c   116.414
_cell.angle_alpha   90.000
_cell.angle_beta   90.000
_cell.angle_gamma   90.000
#
_symmetry.space_group_name_H-M   'C 2 2 21'
#
loop_
_entity.id
_entity.type
_entity.pdbx_description
1 polymer 'HNHc domain-containing protein'
2 polymer "DNA (5'-D(*GP*GP*AP*TP*CP*AP*TP*C)-3')"
3 polymer "DNA (5'-D(*GP*GP*AP*TP*CP*AP*TP*C)-3')"
#
loop_
_entity_poly.entity_id
_entity_poly.type
_entity_poly.pdbx_seq_one_letter_code
_entity_poly.pdbx_strand_id
1 'polypeptide(L)'
;MPLTDTDRSEDFLRRVRGLKAARTANGPRLYQPITLLWAVGRARRGEARTLAWADTDEAIGALLKRHGARGERPRPDYPV
LALHRAGLWTLEGHVGEVPTAHGDSALRNWFAEQRPVGGLAEPFHDLLHRSGHSRVSVIEALLTTYFAGLDPVPLLEDTG
LYDEG
;
A,B
2 'polydeoxyribonucleotide' (DG)(DG)(DA)(DT)(DC)(DA)(DT)(DC) E,C
3 'polydeoxyribonucleotide' (DG)(DA)(DT)(DG)(AS)(DT)(DC)(DC) F,D
#
loop_
_chem_comp.id
_chem_comp.type
_chem_comp.name
_chem_comp.formula
AS DNA linking '2-DEOXY-ADENOSINE -5'-THIO-MONOPHOSPHATE' 'C10 H14 N5 O5 P S'
DA DNA linking 2'-DEOXYADENOSINE-5'-MONOPHOSPHATE 'C10 H14 N5 O6 P'
DC DNA linking 2'-DEOXYCYTIDINE-5'-MONOPHOSPHATE 'C9 H14 N3 O7 P'
DG DNA linking 2'-DEOXYGUANOSINE-5'-MONOPHOSPHATE 'C10 H14 N5 O7 P'
DT DNA linking THYMIDINE-5'-MONOPHOSPHATE 'C10 H15 N2 O8 P'
#
# COMPACT_ATOMS: atom_id res chain seq x y z
N THR A 4 10.83 8.92 -15.81
CA THR A 4 11.73 7.80 -15.54
C THR A 4 12.54 8.05 -14.27
N ASP A 5 13.55 8.91 -14.40
CA ASP A 5 14.38 9.27 -13.24
C ASP A 5 13.72 10.35 -12.41
N THR A 6 13.18 11.38 -13.05
CA THR A 6 12.51 12.44 -12.31
C THR A 6 11.22 11.94 -11.66
N ASP A 7 10.51 11.03 -12.34
CA ASP A 7 9.32 10.43 -11.74
C ASP A 7 9.69 9.54 -10.55
N ARG A 8 10.79 8.80 -10.65
CA ARG A 8 11.28 8.03 -9.51
C ARG A 8 11.70 8.95 -8.37
N SER A 9 12.18 10.14 -8.70
CA SER A 9 12.57 11.11 -7.66
C SER A 9 11.35 11.56 -6.87
N GLU A 10 10.40 12.23 -7.53
CA GLU A 10 9.22 12.75 -6.84
C GLU A 10 8.36 11.64 -6.26
N ASP A 11 8.44 10.42 -6.79
CA ASP A 11 7.84 9.27 -6.12
C ASP A 11 8.43 9.13 -4.71
N PHE A 12 9.76 9.11 -4.62
CA PHE A 12 10.43 8.98 -3.34
C PHE A 12 9.97 10.04 -2.35
N LEU A 13 9.97 11.31 -2.78
CA LEU A 13 9.56 12.40 -1.90
C LEU A 13 8.12 12.23 -1.44
N ARG A 14 7.21 11.92 -2.38
CA ARG A 14 5.80 11.74 -2.01
C ARG A 14 5.64 10.76 -0.87
N ARG A 15 6.39 9.66 -0.90
CA ARG A 15 6.32 8.69 0.18
C ARG A 15 6.87 9.27 1.49
N VAL A 16 7.96 10.04 1.39
CA VAL A 16 8.56 10.61 2.60
C VAL A 16 7.64 11.66 3.21
N ARG A 17 7.02 12.50 2.37
CA ARG A 17 6.10 13.50 2.89
C ARG A 17 4.87 12.86 3.52
N GLY A 18 4.46 11.69 3.04
CA GLY A 18 3.31 11.02 3.60
C GLY A 18 3.70 9.89 4.54
N LEU A 19 4.67 10.15 5.41
CA LEU A 19 5.14 9.16 6.36
C LEU A 19 4.34 9.25 7.65
N LYS A 20 4.06 8.10 8.25
CA LYS A 20 3.42 8.02 9.56
C LYS A 20 4.51 7.83 10.61
N ALA A 21 4.76 8.88 11.39
CA ALA A 21 5.73 8.84 12.46
C ALA A 21 5.09 9.28 13.76
N ALA A 22 5.53 8.69 14.86
CA ALA A 22 5.07 9.11 16.17
C ALA A 22 5.63 10.48 16.52
N ARG A 23 4.91 11.21 17.36
CA ARG A 23 5.27 12.58 17.72
C ARG A 23 5.35 12.69 19.23
N THR A 24 6.45 13.27 19.72
CA THR A 24 6.60 13.54 21.14
C THR A 24 5.78 14.77 21.50
N ALA A 25 5.92 15.24 22.75
CA ALA A 25 5.23 16.45 23.17
C ALA A 25 5.61 17.64 22.31
N ASN A 26 6.80 17.64 21.71
CA ASN A 26 7.33 18.82 21.04
C ASN A 26 7.78 18.57 19.61
N GLY A 27 7.56 17.37 19.08
CA GLY A 27 7.99 17.08 17.72
C GLY A 27 7.92 15.60 17.40
N PRO A 28 8.29 15.24 16.18
CA PRO A 28 8.24 13.84 15.77
C PRO A 28 9.44 13.04 16.28
N ARG A 29 9.18 11.77 16.58
CA ARG A 29 10.24 10.87 16.97
C ARG A 29 11.14 10.59 15.77
N LEU A 30 12.45 10.63 16.00
CA LEU A 30 13.42 10.61 14.91
C LEU A 30 13.79 9.22 14.43
N TYR A 31 13.04 8.18 14.82
CA TYR A 31 13.36 6.82 14.40
C TYR A 31 13.50 6.71 12.89
N GLN A 32 12.57 7.31 12.15
CA GLN A 32 12.51 7.15 10.70
C GLN A 32 13.57 8.00 9.98
N PRO A 33 13.74 9.29 10.31
CA PRO A 33 14.80 10.06 9.63
C PRO A 33 16.20 9.57 9.95
N ILE A 34 16.46 9.11 11.17
CA ILE A 34 17.76 8.51 11.47
C ILE A 34 18.00 7.32 10.55
N THR A 35 16.97 6.51 10.32
CA THR A 35 17.08 5.37 9.42
C THR A 35 17.35 5.82 7.98
N LEU A 36 16.53 6.74 7.48
CA LEU A 36 16.65 7.17 6.09
C LEU A 36 18.03 7.79 5.82
N LEU A 37 18.45 8.73 6.67
CA LEU A 37 19.75 9.36 6.45
C LEU A 37 20.89 8.34 6.53
N TRP A 38 20.75 7.32 7.36
CA TRP A 38 21.74 6.24 7.37
C TRP A 38 21.79 5.55 6.02
N ALA A 39 20.63 5.25 5.45
CA ALA A 39 20.58 4.63 4.13
C ALA A 39 20.92 5.61 3.02
N VAL A 40 20.56 6.89 3.20
CA VAL A 40 20.91 7.91 2.20
C VAL A 40 22.42 8.02 2.07
N GLY A 41 23.14 8.00 3.19
CA GLY A 41 24.59 8.06 3.13
C GLY A 41 25.19 6.82 2.49
N ARG A 42 24.69 5.64 2.87
CA ARG A 42 25.20 4.40 2.28
C ARG A 42 24.95 4.36 0.78
N ALA A 43 23.77 4.82 0.34
CA ALA A 43 23.50 4.89 -1.09
C ALA A 43 24.45 5.84 -1.80
N ARG A 44 24.90 6.89 -1.10
CA ARG A 44 25.83 7.84 -1.69
C ARG A 44 27.18 7.20 -1.97
N ARG A 45 27.72 6.46 -0.99
CA ARG A 45 29.00 5.79 -1.14
C ARG A 45 28.89 4.47 -1.89
N GLY A 46 27.79 4.24 -2.59
CA GLY A 46 27.65 3.04 -3.42
C GLY A 46 27.65 1.73 -2.67
N GLU A 47 27.54 1.76 -1.34
CA GLU A 47 27.63 0.54 -0.54
C GLU A 47 26.49 -0.42 -0.88
N ALA A 48 26.65 -1.66 -0.45
CA ALA A 48 25.62 -2.62 -0.72
C ALA A 48 24.28 -2.03 -0.49
N ARG A 49 23.29 -2.60 -1.12
CA ARG A 49 21.93 -2.10 -0.93
C ARG A 49 21.28 -2.74 0.30
N THR A 50 21.31 -4.07 0.38
CA THR A 50 20.74 -4.79 1.50
C THR A 50 21.83 -5.26 2.46
N LEU A 51 21.42 -5.54 3.70
CA LEU A 51 22.33 -5.94 4.77
C LEU A 51 21.60 -6.85 5.73
N ALA A 52 22.35 -7.77 6.34
CA ALA A 52 21.78 -8.62 7.38
C ALA A 52 21.31 -7.76 8.55
N TRP A 53 20.19 -8.17 9.15
CA TRP A 53 19.53 -7.32 10.14
C TRP A 53 20.47 -6.98 11.30
N ALA A 54 21.23 -7.96 11.78
CA ALA A 54 22.16 -7.70 12.88
C ALA A 54 23.16 -6.62 12.50
N ASP A 55 23.60 -6.60 11.24
CA ASP A 55 24.52 -5.58 10.79
C ASP A 55 23.86 -4.20 10.73
N THR A 56 22.56 -4.14 10.44
CA THR A 56 21.84 -2.87 10.43
C THR A 56 21.38 -2.48 11.82
N ASP A 57 20.74 -3.42 12.53
CA ASP A 57 20.29 -3.22 13.91
C ASP A 57 21.37 -2.55 14.74
N GLU A 58 22.63 -2.97 14.53
CA GLU A 58 23.77 -2.30 15.16
C GLU A 58 23.97 -0.90 14.57
N ALA A 59 24.03 -0.81 13.25
CA ALA A 59 24.37 0.45 12.59
C ALA A 59 23.37 1.54 12.95
N ILE A 60 22.10 1.32 12.64
CA ILE A 60 21.07 2.31 12.96
C ILE A 60 20.96 2.47 14.48
N GLY A 61 20.96 1.35 15.20
CA GLY A 61 20.92 1.41 16.66
C GLY A 61 22.04 2.25 17.24
N ALA A 62 23.22 2.20 16.62
CA ALA A 62 24.32 3.04 17.08
C ALA A 62 23.98 4.51 16.95
N LEU A 63 23.36 4.90 15.83
CA LEU A 63 23.01 6.30 15.65
C LEU A 63 21.89 6.75 16.58
N LEU A 64 20.95 5.85 16.90
CA LEU A 64 19.92 6.18 17.87
C LEU A 64 20.52 6.39 19.26
N LYS A 65 21.61 5.70 19.58
CA LYS A 65 22.28 5.90 20.86
C LYS A 65 22.98 7.24 20.92
N ARG A 66 23.50 7.72 19.79
CA ARG A 66 24.28 8.95 19.74
C ARG A 66 23.40 10.19 19.52
N HIS A 67 22.39 10.09 18.66
CA HIS A 67 21.56 11.22 18.28
C HIS A 67 20.07 10.99 18.58
N GLY A 68 19.77 10.30 19.67
CA GLY A 68 18.38 10.13 20.04
C GLY A 68 17.86 11.34 20.77
N ALA A 69 17.59 12.41 20.02
CA ALA A 69 17.29 13.71 20.61
C ALA A 69 15.95 13.72 21.34
N ARG A 70 15.13 12.72 21.08
CA ARG A 70 13.85 12.67 21.73
C ARG A 70 13.71 11.36 22.42
N GLY A 71 14.70 11.03 23.22
CA GLY A 71 14.65 9.80 23.97
C GLY A 71 14.57 8.55 23.11
N GLU A 72 15.12 8.60 21.91
CA GLU A 72 15.08 7.44 21.03
C GLU A 72 15.95 6.33 21.62
N ARG A 73 15.33 5.20 21.90
CA ARG A 73 16.09 4.02 22.29
C ARG A 73 16.57 3.28 21.03
N PRO A 74 17.67 2.52 21.15
CA PRO A 74 18.20 1.85 19.95
C PRO A 74 17.31 0.73 19.45
N ARG A 75 16.22 1.10 18.78
CA ARG A 75 15.30 0.11 18.26
C ARG A 75 14.99 0.33 16.80
N PRO A 76 15.94 0.03 15.94
CA PRO A 76 15.76 0.23 14.48
C PRO A 76 14.61 -0.56 13.89
N ASP A 77 13.99 -1.48 14.63
CA ASP A 77 12.89 -2.29 14.09
C ASP A 77 11.63 -1.51 13.95
N TYR A 78 11.45 -0.53 14.80
CA TYR A 78 10.27 0.33 14.65
C TYR A 78 10.26 1.08 13.33
N PRO A 79 11.30 1.85 12.96
CA PRO A 79 11.21 2.61 11.69
C PRO A 79 11.19 1.73 10.46
N VAL A 80 12.03 0.68 10.40
CA VAL A 80 12.11 -0.12 9.19
C VAL A 80 10.81 -0.88 8.91
N LEU A 81 9.97 -1.10 9.93
CA LEU A 81 8.66 -1.68 9.67
C LEU A 81 7.70 -0.63 9.12
N ALA A 82 7.71 0.58 9.69
CA ALA A 82 6.93 1.67 9.13
C ALA A 82 7.37 2.01 7.72
N LEU A 83 8.69 1.98 7.48
CA LEU A 83 9.20 2.27 6.14
C LEU A 83 8.89 1.14 5.16
N HIS A 84 8.84 -0.10 5.65
CA HIS A 84 8.43 -1.20 4.77
C HIS A 84 6.98 -1.02 4.34
N ARG A 85 6.10 -0.66 5.28
CA ARG A 85 4.72 -0.36 4.92
C ARG A 85 4.63 0.86 4.02
N ALA A 86 5.55 1.82 4.19
CA ALA A 86 5.56 3.03 3.39
C ALA A 86 6.06 2.79 1.96
N GLY A 87 6.60 1.61 1.67
CA GLY A 87 7.11 1.31 0.35
C GLY A 87 8.55 1.70 0.11
N LEU A 88 9.26 2.17 1.14
CA LEU A 88 10.63 2.61 0.99
C LEU A 88 11.65 1.52 1.32
N TRP A 89 11.25 0.49 2.06
CA TRP A 89 12.17 -0.55 2.53
C TRP A 89 11.79 -1.89 1.94
N THR A 90 12.80 -2.70 1.62
CA THR A 90 12.61 -4.05 1.11
C THR A 90 12.98 -5.03 2.21
N LEU A 91 12.04 -5.90 2.58
CA LEU A 91 12.28 -6.98 3.53
C LEU A 91 11.93 -8.30 2.88
N GLU A 92 12.91 -9.20 2.77
CA GLU A 92 12.64 -10.56 2.34
C GLU A 92 13.64 -11.49 3.01
N GLY A 93 13.25 -12.77 3.05
CA GLY A 93 14.00 -13.78 3.79
C GLY A 93 13.09 -14.40 4.81
N HIS A 94 12.30 -13.55 5.48
CA HIS A 94 11.32 -14.00 6.46
C HIS A 94 10.32 -14.97 5.83
N VAL A 95 9.65 -15.73 6.70
CA VAL A 95 8.50 -16.54 6.32
C VAL A 95 7.24 -15.80 6.75
N GLY A 96 6.18 -15.95 5.95
CA GLY A 96 4.91 -15.36 6.33
C GLY A 96 4.86 -13.86 6.12
N GLU A 97 4.04 -13.20 6.94
CA GLU A 97 3.70 -11.80 6.75
C GLU A 97 4.46 -10.90 7.71
N VAL A 98 4.67 -9.66 7.29
CA VAL A 98 5.45 -8.67 8.03
C VAL A 98 4.56 -8.00 9.07
N PRO A 99 5.04 -7.78 10.28
CA PRO A 99 4.20 -7.17 11.32
C PRO A 99 4.13 -5.66 11.16
N THR A 100 3.40 -5.04 12.08
CA THR A 100 3.31 -3.60 12.17
C THR A 100 4.19 -3.10 13.28
N ALA A 101 4.33 -1.80 13.39
CA ALA A 101 5.21 -1.24 14.38
C ALA A 101 4.47 -0.89 15.63
N HIS A 102 3.37 -1.58 16.10
CA HIS A 102 2.58 -1.37 17.27
C HIS A 102 2.83 -2.50 18.21
N GLY A 103 3.67 -2.24 19.19
CA GLY A 103 4.05 -3.21 20.18
C GLY A 103 5.50 -3.05 20.51
N ASP A 104 6.05 -4.05 21.13
CA ASP A 104 7.46 -4.00 21.46
C ASP A 104 8.03 -5.39 21.42
N SER A 105 7.45 -6.27 22.21
CA SER A 105 8.01 -7.63 22.22
C SER A 105 7.99 -8.26 20.84
N ALA A 106 6.82 -8.21 20.18
CA ALA A 106 6.68 -8.86 18.87
C ALA A 106 7.66 -8.30 17.85
N LEU A 107 8.02 -7.02 17.99
CA LEU A 107 8.99 -6.43 17.06
C LEU A 107 10.37 -7.03 17.28
N ARG A 108 10.76 -7.22 18.53
CA ARG A 108 12.02 -7.90 18.83
C ARG A 108 11.97 -9.37 18.40
N ASN A 109 10.88 -10.06 18.74
CA ASN A 109 10.79 -11.48 18.44
C ASN A 109 10.80 -11.74 16.94
N TRP A 110 10.03 -10.96 16.18
CA TRP A 110 9.95 -11.19 14.73
C TRP A 110 11.31 -11.01 14.07
N PHE A 111 11.99 -9.90 14.39
CA PHE A 111 13.30 -9.66 13.79
C PHE A 111 14.35 -10.65 14.27
N ALA A 112 14.32 -11.00 15.56
CA ALA A 112 15.29 -11.95 16.09
C ALA A 112 15.06 -13.36 15.55
N GLU A 113 13.80 -13.71 15.26
CA GLU A 113 13.50 -15.04 14.76
C GLU A 113 13.72 -15.16 13.26
N GLN A 114 13.21 -14.19 12.49
CA GLN A 114 13.34 -14.26 11.04
C GLN A 114 14.71 -13.81 10.56
N ARG A 115 15.28 -12.79 11.20
CA ARG A 115 16.55 -12.20 10.78
C ARG A 115 16.53 -11.83 9.30
N PRO A 116 15.62 -10.96 8.88
CA PRO A 116 15.48 -10.66 7.46
C PRO A 116 16.56 -9.71 6.96
N VAL A 117 16.92 -9.88 5.69
CA VAL A 117 17.88 -9.01 5.03
C VAL A 117 17.11 -7.82 4.47
N GLY A 118 17.49 -6.62 4.89
CA GLY A 118 16.74 -5.42 4.58
C GLY A 118 17.62 -4.31 4.05
N GLY A 119 17.01 -3.48 3.19
CA GLY A 119 17.66 -2.28 2.71
C GLY A 119 16.60 -1.35 2.15
N LEU A 120 17.04 -0.17 1.73
CA LEU A 120 16.14 0.75 1.07
C LEU A 120 15.69 0.17 -0.27
N ALA A 121 14.57 0.67 -0.78
CA ALA A 121 14.01 0.14 -2.01
C ALA A 121 15.01 0.25 -3.16
N GLU A 122 15.02 -0.77 -4.02
CA GLU A 122 15.99 -0.85 -5.12
C GLU A 122 16.04 0.41 -5.99
N PRO A 123 14.93 0.97 -6.48
CA PRO A 123 15.06 2.16 -7.32
C PRO A 123 15.47 3.41 -6.55
N PHE A 124 15.18 3.48 -5.26
CA PHE A 124 15.55 4.65 -4.47
C PHE A 124 17.03 4.65 -4.11
N HIS A 125 17.56 3.49 -3.71
CA HIS A 125 18.98 3.38 -3.40
C HIS A 125 19.84 3.76 -4.60
N ASP A 126 19.58 3.13 -5.75
CA ASP A 126 20.33 3.46 -6.96
C ASP A 126 20.13 4.90 -7.39
N LEU A 127 18.94 5.46 -7.14
CA LEU A 127 18.66 6.84 -7.55
C LEU A 127 19.53 7.81 -6.75
N LEU A 128 19.61 7.64 -5.43
CA LEU A 128 20.40 8.55 -4.61
C LEU A 128 21.88 8.39 -4.90
N HIS A 129 22.31 7.22 -5.34
CA HIS A 129 23.70 7.02 -5.76
C HIS A 129 24.07 8.00 -6.87
N ARG A 130 23.32 7.98 -7.97
CA ARG A 130 23.67 8.74 -9.16
C ARG A 130 23.10 10.16 -9.15
N SER A 131 21.90 10.35 -8.61
CA SER A 131 21.24 11.64 -8.66
C SER A 131 21.61 12.47 -7.43
N GLY A 132 22.29 13.59 -7.65
CA GLY A 132 22.59 14.51 -6.57
C GLY A 132 21.46 15.46 -6.26
N HIS A 133 20.68 15.82 -7.28
CA HIS A 133 19.51 16.68 -7.06
C HIS A 133 18.55 16.08 -6.05
N SER A 134 18.47 14.75 -5.98
CA SER A 134 17.51 14.12 -5.09
C SER A 134 18.02 14.01 -3.65
N ARG A 135 19.34 13.97 -3.45
CA ARG A 135 19.86 13.86 -2.10
C ARG A 135 19.57 15.12 -1.30
N VAL A 136 19.65 16.29 -1.92
CA VAL A 136 19.35 17.53 -1.21
C VAL A 136 17.86 17.66 -0.95
N SER A 137 17.04 17.23 -1.91
CA SER A 137 15.59 17.33 -1.74
C SER A 137 15.06 16.35 -0.71
N VAL A 138 15.76 15.26 -0.46
CA VAL A 138 15.34 14.32 0.58
C VAL A 138 15.89 14.70 1.95
N ILE A 139 17.09 15.27 2.00
CA ILE A 139 17.64 15.73 3.28
C ILE A 139 16.89 16.96 3.76
N GLU A 140 16.81 18.00 2.92
CA GLU A 140 16.12 19.22 3.31
C GLU A 140 14.67 18.95 3.69
N ALA A 141 14.02 18.01 3.03
CA ALA A 141 12.66 17.65 3.39
C ALA A 141 12.60 17.04 4.78
N LEU A 142 13.47 16.06 5.04
CA LEU A 142 13.49 15.41 6.35
C LEU A 142 13.96 16.37 7.44
N LEU A 143 14.97 17.18 7.15
CA LEU A 143 15.50 18.11 8.15
C LEU A 143 14.44 19.14 8.56
N THR A 144 13.66 19.64 7.61
CA THR A 144 12.64 20.64 7.93
C THR A 144 11.53 20.05 8.79
N THR A 145 11.02 18.88 8.41
CA THR A 145 9.84 18.34 9.07
C THR A 145 10.19 17.66 10.40
N TYR A 146 11.34 16.99 10.47
CA TYR A 146 11.69 16.24 11.67
C TYR A 146 12.60 17.02 12.62
N PHE A 147 13.68 17.61 12.12
CA PHE A 147 14.66 18.29 12.95
C PHE A 147 14.41 19.78 13.07
N ALA A 148 13.15 20.21 12.99
CA ALA A 148 12.79 21.62 13.14
C ALA A 148 13.16 22.12 14.53
N GLY A 149 14.29 22.81 14.64
CA GLY A 149 14.75 23.36 15.90
C GLY A 149 15.99 22.70 16.47
N LEU A 150 16.35 21.52 15.98
CA LEU A 150 17.47 20.75 16.51
C LEU A 150 18.71 20.93 15.66
N ASP A 151 19.86 20.57 16.24
CA ASP A 151 21.13 20.57 15.54
C ASP A 151 21.27 19.28 14.74
N PRO A 152 21.24 19.35 13.41
CA PRO A 152 21.30 18.13 12.60
C PRO A 152 22.72 17.72 12.23
N VAL A 153 23.65 18.66 12.24
CA VAL A 153 24.97 18.45 11.65
C VAL A 153 25.77 17.34 12.35
N PRO A 154 25.58 17.04 13.64
CA PRO A 154 26.26 15.84 14.17
C PRO A 154 25.77 14.56 13.52
N LEU A 155 24.45 14.41 13.38
CA LEU A 155 23.90 13.26 12.67
C LEU A 155 24.27 13.29 11.19
N LEU A 156 24.16 14.46 10.56
CA LEU A 156 24.50 14.58 9.13
C LEU A 156 25.95 14.18 8.88
N GLU A 157 26.85 14.52 9.80
CA GLU A 157 28.23 14.08 9.71
C GLU A 157 28.33 12.56 9.74
N ASP A 158 27.79 11.95 10.80
CA ASP A 158 27.93 10.51 11.06
C ASP A 158 27.24 9.64 10.03
N THR A 159 26.75 10.21 8.93
CA THR A 159 26.20 9.42 7.85
C THR A 159 26.78 9.82 6.50
N GLY A 160 27.86 10.59 6.46
CA GLY A 160 28.44 11.00 5.20
C GLY A 160 27.60 12.00 4.44
N LEU A 161 26.84 12.84 5.14
CA LEU A 161 25.89 13.76 4.52
C LEU A 161 26.19 15.21 4.89
N TYR A 162 27.44 15.55 5.13
CA TYR A 162 27.78 16.93 5.45
C TYR A 162 27.78 17.80 4.20
P AS C 5 7.69 5.72 14.76
OP1 AS C 5 8.09 7.18 14.66
S2P AS C 5 9.05 4.39 14.22
O5' AS C 5 7.45 5.66 16.30
C5' AS C 5 7.95 4.58 17.18
C4' AS C 5 7.40 4.79 18.52
O4' AS C 5 6.11 4.14 18.60
C3' AS C 5 8.18 4.20 19.74
O3' AS C 5 8.58 5.30 20.61
C2' AS C 5 7.21 3.46 20.57
C1' AS C 5 5.91 3.88 19.91
N9 AS C 5 4.91 2.81 19.95
C8 AS C 5 4.66 1.85 19.01
N7 AS C 5 3.71 1.01 19.34
C5 AS C 5 3.33 1.44 20.60
C6 AS C 5 2.36 0.97 21.51
N6 AS C 5 1.58 -0.10 21.27
N1 AS C 5 2.22 1.62 22.68
C2 AS C 5 3.00 2.69 22.92
N3 AS C 5 3.94 3.22 22.15
C4 AS C 5 4.06 2.55 20.99
N THR D 4 3.87 -20.91 -6.91
CA THR D 4 3.15 -20.17 -5.89
C THR D 4 1.74 -19.81 -6.34
N ASP D 5 0.87 -20.83 -6.45
CA ASP D 5 -0.52 -20.60 -6.81
C ASP D 5 -1.39 -20.28 -5.61
N THR D 6 -1.28 -21.09 -4.55
CA THR D 6 -2.05 -20.82 -3.33
C THR D 6 -1.59 -19.55 -2.63
N ASP D 7 -0.30 -19.21 -2.79
CA ASP D 7 0.17 -17.94 -2.24
C ASP D 7 -0.58 -16.78 -2.88
N ARG D 8 -0.91 -16.90 -4.16
CA ARG D 8 -1.78 -15.89 -4.79
C ARG D 8 -3.19 -15.92 -4.19
N SER D 9 -3.65 -17.10 -3.75
CA SER D 9 -4.99 -17.22 -3.17
C SER D 9 -5.14 -16.45 -1.86
N GLU D 10 -4.42 -16.86 -0.82
CA GLU D 10 -4.55 -16.19 0.47
C GLU D 10 -4.10 -14.74 0.40
N ASP D 11 -3.23 -14.39 -0.56
CA ASP D 11 -2.95 -12.99 -0.84
C ASP D 11 -4.24 -12.25 -1.18
N PHE D 12 -5.01 -12.79 -2.12
CA PHE D 12 -6.27 -12.16 -2.52
C PHE D 12 -7.18 -11.97 -1.30
N LEU D 13 -7.38 -13.02 -0.50
CA LEU D 13 -8.22 -12.92 0.69
C LEU D 13 -7.69 -11.87 1.65
N ARG D 14 -6.38 -11.92 1.93
CA ARG D 14 -5.76 -10.96 2.85
C ARG D 14 -6.07 -9.52 2.45
N ARG D 15 -5.99 -9.21 1.15
CA ARG D 15 -6.33 -7.87 0.69
C ARG D 15 -7.82 -7.60 0.84
N VAL D 16 -8.66 -8.58 0.50
CA VAL D 16 -10.11 -8.39 0.56
C VAL D 16 -10.58 -8.30 2.01
N ARG D 17 -10.04 -9.13 2.90
CA ARG D 17 -10.44 -9.06 4.29
C ARG D 17 -10.05 -7.73 4.93
N GLY D 18 -8.99 -7.11 4.44
CA GLY D 18 -8.57 -5.82 4.95
C GLY D 18 -9.01 -4.67 4.05
N LEU D 19 -10.26 -4.70 3.61
CA LEU D 19 -10.80 -3.64 2.77
C LEU D 19 -11.40 -2.54 3.64
N LYS D 20 -11.22 -1.30 3.20
CA LYS D 20 -11.83 -0.14 3.84
C LYS D 20 -13.10 0.21 3.08
N ALA D 21 -14.24 -0.07 3.68
CA ALA D 21 -15.54 0.24 3.09
C ALA D 21 -16.36 1.07 4.05
N ALA D 22 -17.17 1.97 3.49
CA ALA D 22 -18.10 2.74 4.31
C ALA D 22 -19.23 1.84 4.79
N ARG D 23 -19.81 2.22 5.94
CA ARG D 23 -20.85 1.43 6.58
C ARG D 23 -22.06 2.31 6.83
N THR D 24 -23.23 1.82 6.43
CA THR D 24 -24.49 2.51 6.72
C THR D 24 -24.86 2.25 8.18
N ALA D 25 -26.06 2.71 8.58
CA ALA D 25 -26.54 2.47 9.93
C ALA D 25 -26.59 0.98 10.28
N ASN D 26 -26.73 0.11 9.28
CA ASN D 26 -26.99 -1.30 9.54
C ASN D 26 -26.02 -2.24 8.82
N GLY D 27 -25.00 -1.73 8.14
CA GLY D 27 -24.06 -2.57 7.45
C GLY D 27 -23.17 -1.81 6.50
N PRO D 28 -22.27 -2.52 5.82
CA PRO D 28 -21.35 -1.86 4.89
C PRO D 28 -22.02 -1.58 3.55
N ARG D 29 -21.61 -0.47 2.94
CA ARG D 29 -22.10 -0.14 1.61
C ARG D 29 -21.54 -1.10 0.58
N LEU D 30 -22.39 -1.56 -0.32
CA LEU D 30 -22.09 -2.67 -1.21
C LEU D 30 -21.35 -2.25 -2.48
N TYR D 31 -20.82 -1.03 -2.53
CA TYR D 31 -20.09 -0.58 -3.71
C TYR D 31 -18.97 -1.55 -4.08
N GLN D 32 -18.20 -1.99 -3.08
CA GLN D 32 -17.02 -2.81 -3.29
C GLN D 32 -17.34 -4.27 -3.58
N PRO D 33 -18.22 -4.95 -2.82
CA PRO D 33 -18.50 -6.35 -3.14
C PRO D 33 -19.20 -6.54 -4.47
N ILE D 34 -20.10 -5.63 -4.85
CA ILE D 34 -20.69 -5.68 -6.19
C ILE D 34 -19.61 -5.54 -7.24
N THR D 35 -18.62 -4.68 -7.00
CA THR D 35 -17.52 -4.51 -7.94
C THR D 35 -16.74 -5.81 -8.10
N LEU D 36 -16.30 -6.40 -6.98
CA LEU D 36 -15.52 -7.62 -7.04
C LEU D 36 -16.31 -8.74 -7.72
N LEU D 37 -17.57 -8.92 -7.31
CA LEU D 37 -18.40 -9.97 -7.89
C LEU D 37 -18.59 -9.76 -9.40
N TRP D 38 -18.68 -8.50 -9.83
CA TRP D 38 -18.73 -8.20 -11.26
C TRP D 38 -17.47 -8.67 -11.96
N ALA D 39 -16.30 -8.38 -11.38
CA ALA D 39 -15.04 -8.81 -11.98
C ALA D 39 -14.82 -10.30 -11.80
N VAL D 40 -15.28 -10.87 -10.68
CA VAL D 40 -15.16 -12.31 -10.46
C VAL D 40 -15.90 -13.08 -11.54
N GLY D 41 -17.11 -12.61 -11.89
CA GLY D 41 -17.85 -13.27 -12.96
C GLY D 41 -17.15 -13.16 -14.30
N ARG D 42 -16.68 -11.96 -14.64
CA ARG D 42 -15.96 -11.77 -15.89
C ARG D 42 -14.69 -12.62 -15.92
N ALA D 43 -13.97 -12.69 -14.80
CA ALA D 43 -12.80 -13.55 -14.73
C ALA D 43 -13.17 -15.02 -14.89
N ARG D 44 -14.35 -15.41 -14.43
CA ARG D 44 -14.78 -16.81 -14.56
C ARG D 44 -15.01 -17.16 -16.02
N ARG D 45 -15.72 -16.31 -16.76
CA ARG D 45 -15.99 -16.53 -18.18
C ARG D 45 -14.84 -16.12 -19.08
N GLY D 46 -13.65 -15.92 -18.54
CA GLY D 46 -12.47 -15.63 -19.34
C GLY D 46 -12.52 -14.32 -20.08
N GLU D 47 -13.49 -13.47 -19.74
CA GLU D 47 -13.67 -12.21 -20.45
C GLU D 47 -12.45 -11.31 -20.29
N ALA D 48 -12.41 -10.26 -21.10
CA ALA D 48 -11.28 -9.33 -21.10
C ALA D 48 -10.99 -8.83 -19.69
N ARG D 49 -9.70 -8.77 -19.37
CA ARG D 49 -9.30 -8.39 -18.02
C ARG D 49 -9.56 -6.92 -17.75
N THR D 50 -9.11 -6.05 -18.64
CA THR D 50 -9.30 -4.62 -18.52
C THR D 50 -10.42 -4.14 -19.45
N LEU D 51 -10.97 -2.97 -19.15
CA LEU D 51 -12.06 -2.40 -19.92
C LEU D 51 -12.01 -0.88 -19.85
N ALA D 52 -12.46 -0.24 -20.93
CA ALA D 52 -12.59 1.21 -20.95
C ALA D 52 -13.58 1.65 -19.89
N TRP D 53 -13.28 2.81 -19.26
CA TRP D 53 -14.04 3.22 -18.09
C TRP D 53 -15.53 3.33 -18.38
N ALA D 54 -15.91 3.92 -19.51
CA ALA D 54 -17.31 4.04 -19.86
C ALA D 54 -17.97 2.66 -19.95
N ASP D 55 -17.24 1.67 -20.46
CA ASP D 55 -17.78 0.31 -20.53
C ASP D 55 -17.93 -0.30 -19.15
N THR D 56 -17.07 0.08 -18.20
CA THR D 56 -17.24 -0.42 -16.83
C THR D 56 -18.25 0.44 -16.07
N ASP D 57 -18.08 1.76 -16.11
CA ASP D 57 -19.00 2.71 -15.49
C ASP D 57 -20.44 2.34 -15.78
N GLU D 58 -20.71 1.94 -17.03
CA GLU D 58 -22.03 1.44 -17.39
C GLU D 58 -22.31 0.07 -16.75
N ALA D 59 -21.39 -0.89 -16.95
CA ALA D 59 -21.67 -2.28 -16.58
C ALA D 59 -21.91 -2.43 -15.08
N ILE D 60 -20.91 -2.13 -14.25
CA ILE D 60 -21.07 -2.25 -12.81
C ILE D 60 -22.08 -1.23 -12.29
N GLY D 61 -22.03 -0.01 -12.79
CA GLY D 61 -22.99 1.01 -12.37
C GLY D 61 -24.42 0.54 -12.54
N ALA D 62 -24.68 -0.24 -13.59
CA ALA D 62 -26.00 -0.82 -13.78
C ALA D 62 -26.36 -1.74 -12.61
N LEU D 63 -25.40 -2.53 -12.13
CA LEU D 63 -25.66 -3.44 -11.03
C LEU D 63 -25.93 -2.69 -9.72
N LEU D 64 -25.29 -1.52 -9.55
CA LEU D 64 -25.58 -0.71 -8.37
C LEU D 64 -27.01 -0.18 -8.39
N LYS D 65 -27.57 0.07 -9.59
CA LYS D 65 -28.94 0.56 -9.67
C LYS D 65 -29.94 -0.54 -9.34
N ARG D 66 -29.67 -1.77 -9.75
CA ARG D 66 -30.64 -2.85 -9.54
C ARG D 66 -30.45 -3.56 -8.21
N HIS D 67 -29.21 -3.75 -7.75
CA HIS D 67 -28.94 -4.49 -6.53
C HIS D 67 -28.24 -3.63 -5.48
N GLY D 68 -28.52 -2.33 -5.48
CA GLY D 68 -28.01 -1.43 -4.46
C GLY D 68 -28.92 -1.42 -3.24
N ALA D 69 -28.84 -2.46 -2.41
CA ALA D 69 -29.81 -2.65 -1.35
C ALA D 69 -29.69 -1.59 -0.26
N ARG D 70 -28.58 -0.87 -0.19
CA ARG D 70 -28.40 0.16 0.85
C ARG D 70 -28.22 1.55 0.26
N GLY D 71 -29.08 1.93 -0.68
CA GLY D 71 -29.01 3.26 -1.27
C GLY D 71 -27.80 3.51 -2.13
N GLU D 72 -27.26 2.48 -2.76
CA GLU D 72 -26.10 2.63 -3.63
C GLU D 72 -26.45 3.46 -4.85
N ARG D 73 -25.71 4.54 -5.07
CA ARG D 73 -25.83 5.30 -6.31
C ARG D 73 -24.97 4.63 -7.39
N PRO D 74 -25.33 4.78 -8.67
CA PRO D 74 -24.52 4.17 -9.72
C PRO D 74 -23.19 4.89 -9.87
N ARG D 75 -22.29 4.68 -8.91
CA ARG D 75 -21.00 5.38 -8.86
C ARG D 75 -19.89 4.35 -8.71
N PRO D 76 -19.55 3.65 -9.80
CA PRO D 76 -18.46 2.66 -9.73
C PRO D 76 -17.10 3.24 -9.40
N ASP D 77 -16.95 4.57 -9.43
CA ASP D 77 -15.65 5.16 -9.19
C ASP D 77 -15.24 5.11 -7.73
N TYR D 78 -16.21 5.11 -6.81
CA TYR D 78 -15.87 4.94 -5.39
C TYR D 78 -15.22 3.59 -5.11
N PRO D 79 -15.83 2.44 -5.47
CA PRO D 79 -15.18 1.17 -5.12
C PRO D 79 -13.88 0.92 -5.87
N VAL D 80 -13.82 1.20 -7.18
CA VAL D 80 -12.62 0.88 -7.94
C VAL D 80 -11.43 1.72 -7.49
N LEU D 81 -11.66 2.88 -6.88
CA LEU D 81 -10.55 3.62 -6.30
C LEU D 81 -10.11 3.01 -4.98
N ALA D 82 -11.06 2.61 -4.14
CA ALA D 82 -10.71 1.89 -2.91
C ALA D 82 -10.02 0.58 -3.24
N LEU D 83 -10.49 -0.12 -4.27
CA LEU D 83 -9.85 -1.37 -4.66
C LEU D 83 -8.50 -1.12 -5.32
N HIS D 84 -8.35 0.01 -6.01
CA HIS D 84 -7.04 0.37 -6.56
C HIS D 84 -6.04 0.62 -5.44
N ARG D 85 -6.46 1.36 -4.40
CA ARG D 85 -5.58 1.57 -3.25
C ARG D 85 -5.31 0.26 -2.52
N ALA D 86 -6.28 -0.66 -2.50
CA ALA D 86 -6.09 -1.94 -1.84
C ALA D 86 -5.20 -2.89 -2.62
N GLY D 87 -4.85 -2.56 -3.86
CA GLY D 87 -4.03 -3.42 -4.68
C GLY D 87 -4.79 -4.44 -5.49
N LEU D 88 -6.12 -4.39 -5.48
CA LEU D 88 -6.93 -5.36 -6.20
C LEU D 88 -7.30 -4.92 -7.61
N TRP D 89 -7.24 -3.62 -7.91
CA TRP D 89 -7.69 -3.09 -9.19
C TRP D 89 -6.51 -2.47 -9.94
N THR D 90 -6.51 -2.62 -11.26
CA THR D 90 -5.48 -2.06 -12.13
C THR D 90 -6.04 -0.86 -12.89
N LEU D 91 -5.39 0.28 -12.75
CA LEU D 91 -5.68 1.49 -13.51
C LEU D 91 -4.43 1.92 -14.24
N GLU D 92 -4.51 2.04 -15.56
CA GLU D 92 -3.42 2.60 -16.33
C GLU D 92 -3.97 3.38 -17.51
N GLY D 93 -3.18 4.34 -17.99
CA GLY D 93 -3.61 5.25 -19.03
C GLY D 93 -3.59 6.70 -18.58
N HIS D 94 -4.09 6.91 -17.36
CA HIS D 94 -4.14 8.24 -16.76
C HIS D 94 -2.76 8.87 -16.67
N VAL D 95 -2.75 10.19 -16.50
CA VAL D 95 -1.54 10.94 -16.18
C VAL D 95 -1.54 11.24 -14.69
N GLY D 96 -0.35 11.23 -14.10
CA GLY D 96 -0.22 11.61 -12.71
C GLY D 96 -0.71 10.52 -11.76
N GLU D 97 -1.15 10.95 -10.59
CA GLU D 97 -1.46 10.06 -9.48
C GLU D 97 -2.96 9.88 -9.34
N VAL D 98 -3.34 8.73 -8.78
CA VAL D 98 -4.74 8.33 -8.63
C VAL D 98 -5.33 9.01 -7.41
N PRO D 99 -6.56 9.51 -7.48
CA PRO D 99 -7.15 10.23 -6.36
C PRO D 99 -7.64 9.29 -5.27
N THR D 100 -8.17 9.90 -4.21
CA THR D 100 -8.79 9.16 -3.11
C THR D 100 -10.31 9.18 -3.26
N ALA D 101 -10.96 8.17 -2.67
CA ALA D 101 -12.40 8.04 -2.75
C ALA D 101 -13.14 9.00 -1.82
N HIS D 102 -12.46 10.04 -1.32
CA HIS D 102 -13.07 11.04 -0.46
C HIS D 102 -13.47 12.23 -1.33
N GLY D 103 -14.77 12.41 -1.52
CA GLY D 103 -15.30 13.45 -2.37
C GLY D 103 -16.30 12.91 -3.37
N ASP D 104 -16.75 13.78 -4.26
CA ASP D 104 -17.72 13.40 -5.27
C ASP D 104 -17.39 14.01 -6.62
N SER D 105 -17.25 15.35 -6.66
CA SER D 105 -16.95 16.04 -7.90
C SER D 105 -15.63 15.55 -8.51
N ALA D 106 -14.57 15.54 -7.69
CA ALA D 106 -13.26 15.16 -8.21
C ALA D 106 -13.23 13.75 -8.76
N LEU D 107 -14.05 12.86 -8.20
CA LEU D 107 -14.08 11.49 -8.71
C LEU D 107 -14.72 11.42 -10.10
N ARG D 108 -15.80 12.17 -10.31
CA ARG D 108 -16.41 12.23 -11.64
C ARG D 108 -15.47 12.92 -12.63
N ASN D 109 -14.90 14.06 -12.22
CA ASN D 109 -14.02 14.81 -13.11
C ASN D 109 -12.78 14.01 -13.50
N TRP D 110 -12.14 13.38 -12.51
CA TRP D 110 -10.91 12.63 -12.79
C TRP D 110 -11.17 11.48 -13.76
N PHE D 111 -12.21 10.70 -13.51
CA PHE D 111 -12.51 9.58 -14.39
C PHE D 111 -12.98 10.05 -15.76
N ALA D 112 -13.77 11.12 -15.81
CA ALA D 112 -14.26 11.62 -17.10
C ALA D 112 -13.13 12.24 -17.93
N GLU D 113 -12.15 12.85 -17.27
CA GLU D 113 -11.06 13.50 -18.00
C GLU D 113 -9.98 12.51 -18.39
N GLN D 114 -9.56 11.66 -17.45
CA GLN D 114 -8.48 10.72 -17.75
C GLN D 114 -8.97 9.53 -18.55
N ARG D 115 -10.19 9.06 -18.26
CA ARG D 115 -10.78 7.89 -18.92
C ARG D 115 -9.85 6.67 -18.87
N PRO D 116 -9.49 6.20 -17.67
CA PRO D 116 -8.54 5.08 -17.59
C PRO D 116 -9.21 3.74 -17.86
N VAL D 117 -8.44 2.85 -18.47
CA VAL D 117 -8.87 1.48 -18.72
C VAL D 117 -8.55 0.65 -17.48
N GLY D 118 -9.57 0.01 -16.91
CA GLY D 118 -9.42 -0.63 -15.62
C GLY D 118 -9.92 -2.06 -15.62
N GLY D 119 -9.31 -2.86 -14.76
CA GLY D 119 -9.74 -4.22 -14.50
C GLY D 119 -9.16 -4.69 -13.19
N LEU D 120 -9.53 -5.91 -12.80
CA LEU D 120 -8.95 -6.53 -11.62
C LEU D 120 -7.46 -6.78 -11.85
N ALA D 121 -6.73 -6.94 -10.75
CA ALA D 121 -5.28 -7.14 -10.84
C ALA D 121 -4.96 -8.37 -11.68
N GLU D 122 -3.88 -8.26 -12.46
CA GLU D 122 -3.51 -9.32 -13.40
C GLU D 122 -3.39 -10.71 -12.77
N PRO D 123 -2.71 -10.92 -11.65
CA PRO D 123 -2.62 -12.29 -11.13
C PRO D 123 -3.92 -12.79 -10.52
N PHE D 124 -4.78 -11.89 -10.04
CA PHE D 124 -6.05 -12.31 -9.44
C PHE D 124 -7.07 -12.69 -10.50
N HIS D 125 -7.16 -11.90 -11.57
CA HIS D 125 -8.07 -12.23 -12.66
C HIS D 125 -7.77 -13.61 -13.23
N ASP D 126 -6.51 -13.86 -13.59
CA ASP D 126 -6.12 -15.17 -14.10
C ASP D 126 -6.35 -16.26 -13.07
N LEU D 127 -6.21 -15.95 -11.78
CA LEU D 127 -6.39 -16.94 -10.73
C LEU D 127 -7.83 -17.44 -10.69
N LEU D 128 -8.79 -16.51 -10.73
CA LEU D 128 -10.20 -16.90 -10.66
C LEU D 128 -10.64 -17.63 -11.93
N HIS D 129 -9.97 -17.37 -13.05
CA HIS D 129 -10.27 -18.08 -14.29
C HIS D 129 -10.13 -19.58 -14.12
N ARG D 130 -8.94 -20.04 -13.74
CA ARG D 130 -8.63 -21.47 -13.70
C ARG D 130 -8.96 -22.13 -12.37
N SER D 131 -8.77 -21.43 -11.25
CA SER D 131 -8.95 -22.01 -9.92
C SER D 131 -10.39 -21.82 -9.46
N GLY D 132 -11.09 -22.94 -9.26
CA GLY D 132 -12.44 -22.87 -8.70
C GLY D 132 -12.47 -22.76 -7.20
N HIS D 133 -11.48 -23.34 -6.51
CA HIS D 133 -11.39 -23.20 -5.06
C HIS D 133 -11.32 -21.75 -4.64
N SER D 134 -10.75 -20.89 -5.48
CA SER D 134 -10.57 -19.49 -5.09
C SER D 134 -11.85 -18.67 -5.30
N ARG D 135 -12.70 -19.08 -6.25
CA ARG D 135 -13.93 -18.33 -6.49
C ARG D 135 -14.89 -18.43 -5.31
N VAL D 136 -14.97 -19.60 -4.67
CA VAL D 136 -15.88 -19.75 -3.55
C VAL D 136 -15.35 -19.01 -2.32
N SER D 137 -14.03 -18.99 -2.13
CA SER D 137 -13.46 -18.33 -0.96
C SER D 137 -13.60 -16.81 -1.03
N VAL D 138 -13.72 -16.24 -2.22
CA VAL D 138 -13.94 -14.80 -2.33
C VAL D 138 -15.43 -14.47 -2.30
N ILE D 139 -16.28 -15.37 -2.79
CA ILE D 139 -17.72 -15.15 -2.69
C ILE D 139 -18.17 -15.32 -1.25
N GLU D 140 -17.83 -16.45 -0.63
CA GLU D 140 -18.23 -16.69 0.76
C GLU D 140 -17.70 -15.61 1.69
N ALA D 141 -16.49 -15.10 1.42
CA ALA D 141 -15.95 -14.02 2.24
C ALA D 141 -16.77 -12.75 2.11
N LEU D 142 -17.04 -12.33 0.87
CA LEU D 142 -17.81 -11.11 0.65
C LEU D 142 -19.25 -11.26 1.12
N LEU D 143 -19.86 -12.41 0.85
CA LEU D 143 -21.24 -12.63 1.26
C LEU D 143 -21.39 -12.59 2.77
N THR D 144 -20.43 -13.17 3.48
CA THR D 144 -20.50 -13.21 4.95
C THR D 144 -20.38 -11.83 5.55
N THR D 145 -19.39 -11.05 5.10
CA THR D 145 -19.10 -9.78 5.76
C THR D 145 -20.03 -8.66 5.29
N TYR D 146 -20.40 -8.65 4.00
CA TYR D 146 -21.19 -7.56 3.45
C TYR D 146 -22.69 -7.85 3.42
N PHE D 147 -23.09 -9.01 2.90
CA PHE D 147 -24.50 -9.32 2.70
C PHE D 147 -25.12 -10.08 3.86
N ALA D 148 -24.61 -9.89 5.07
CA ALA D 148 -25.19 -10.52 6.25
C ALA D 148 -26.62 -10.06 6.46
N GLY D 149 -27.58 -10.88 6.05
CA GLY D 149 -28.99 -10.57 6.22
C GLY D 149 -29.74 -10.29 4.93
N LEU D 150 -29.03 -10.06 3.83
CA LEU D 150 -29.65 -9.69 2.56
C LEU D 150 -29.75 -10.89 1.64
N ASP D 151 -30.62 -10.76 0.64
CA ASP D 151 -30.75 -11.77 -0.41
C ASP D 151 -29.68 -11.52 -1.47
N PRO D 152 -28.70 -12.42 -1.60
CA PRO D 152 -27.61 -12.19 -2.54
C PRO D 152 -27.87 -12.77 -3.92
N VAL D 153 -28.75 -13.76 -4.01
CA VAL D 153 -28.90 -14.56 -5.24
C VAL D 153 -29.38 -13.75 -6.44
N PRO D 154 -30.13 -12.64 -6.30
CA PRO D 154 -30.39 -11.83 -7.50
C PRO D 154 -29.13 -11.22 -8.07
N LEU D 155 -28.28 -10.64 -7.20
CA LEU D 155 -26.99 -10.16 -7.65
C LEU D 155 -26.10 -11.30 -8.12
N LEU D 156 -26.09 -12.41 -7.36
CA LEU D 156 -25.29 -13.57 -7.74
C LEU D 156 -25.69 -14.09 -9.11
N GLU D 157 -26.98 -14.08 -9.43
CA GLU D 157 -27.43 -14.44 -10.76
C GLU D 157 -26.86 -13.50 -11.81
N ASP D 158 -27.12 -12.20 -11.65
CA ASP D 158 -26.79 -11.18 -12.64
C ASP D 158 -25.29 -11.00 -12.87
N THR D 159 -24.46 -11.86 -12.29
CA THR D 159 -23.04 -11.85 -12.59
C THR D 159 -22.51 -13.23 -12.92
N GLY D 160 -23.40 -14.20 -13.17
CA GLY D 160 -22.98 -15.54 -13.52
C GLY D 160 -22.36 -16.34 -12.40
N LEU D 161 -22.74 -16.05 -11.15
CA LEU D 161 -22.13 -16.67 -9.99
C LEU D 161 -23.16 -17.36 -9.10
N TYR D 162 -24.23 -17.88 -9.69
CA TYR D 162 -25.22 -18.62 -8.92
C TYR D 162 -24.76 -20.03 -8.58
N ASP D 163 -23.70 -20.52 -9.23
CA ASP D 163 -23.16 -21.84 -8.87
C ASP D 163 -22.71 -21.86 -7.41
N GLU D 164 -22.04 -20.82 -6.96
CA GLU D 164 -21.60 -20.72 -5.58
C GLU D 164 -22.11 -19.44 -4.93
P AS F 5 -16.91 2.82 -0.10
OP1 AS F 5 -17.71 1.69 0.58
S2P AS F 5 -16.65 2.62 -2.00
O5' AS F 5 -17.93 3.97 0.26
C5' AS F 5 -18.40 4.96 -0.66
C4' AS F 5 -19.21 5.98 0.09
O4' AS F 5 -18.32 6.97 0.61
C3' AS F 5 -20.26 6.74 -0.69
O3' AS F 5 -21.55 6.47 -0.15
C2' AS F 5 -20.05 8.19 -0.30
C1' AS F 5 -19.08 8.11 0.85
N9 AS F 5 -18.16 9.23 0.92
C8 AS F 5 -16.90 9.32 0.37
N7 AS F 5 -16.30 10.47 0.61
C5 AS F 5 -17.22 11.17 1.37
C6 AS F 5 -17.19 12.45 1.94
N6 AS F 5 -16.16 13.27 1.84
N1 AS F 5 -18.28 12.85 2.64
C2 AS F 5 -19.32 12.02 2.74
N3 AS F 5 -19.47 10.79 2.25
C4 AS F 5 -18.37 10.42 1.56
#